data_4F7D
#
_entry.id   4F7D
#
_cell.length_a   70.020
_cell.length_b   85.570
_cell.length_c   102.140
_cell.angle_alpha   90.00
_cell.angle_beta   90.00
_cell.angle_gamma   90.00
#
_symmetry.space_group_name_H-M   'P 21 21 21'
#
loop_
_entity.id
_entity.type
_entity.pdbx_description
1 polymer 'Ferredoxin--NADP reductase'
2 water water
#
_entity_poly.entity_id   1
_entity_poly.type   'polypeptide(L)'
_entity_poly.pdbx_seq_one_letter_code
;MGPLWGPLYAPVSESMSKFDTATVLSVHHWTDTLFSFTCTRDQALRFNNGEFTMVGLEVDGKPLTRAYSIVSPNYEEHLE
FFSIKVQNGPLTSRLQHLKVGDPVLIGKKPTGTLVADNLLPGKTLWMLSTGTGLAPFMSIIRDPDIYERFDKVVLTHTCR
LKGELAYMDYIKHDLPGHEYLGDVIREKLVYYPTVTREEFENEGRITDLIASGKLFTDLDMPPFSPEQDRVMLCGSTAML
KDTTELLKKAGLVEGKNSAPGHYVIERAFVD
;
_entity_poly.pdbx_strand_id   A,B
#
# COMPACT_ATOMS: atom_id res chain seq x y z
N SER A 17 2.45 6.58 32.52
CA SER A 17 3.87 6.30 32.89
C SER A 17 4.41 4.97 32.32
N LYS A 18 3.60 3.91 32.38
CA LYS A 18 3.96 2.63 31.75
C LYS A 18 3.79 2.66 30.20
N PHE A 19 3.36 3.81 29.66
CA PHE A 19 3.12 3.97 28.22
C PHE A 19 3.92 5.15 27.68
N ASP A 20 4.25 5.10 26.41
CA ASP A 20 4.70 6.31 25.76
C ASP A 20 3.57 6.90 24.93
N THR A 21 3.64 8.20 24.67
CA THR A 21 2.62 8.89 23.88
C THR A 21 3.13 9.13 22.46
N ALA A 22 2.70 8.26 21.54
CA ALA A 22 3.02 8.35 20.11
C ALA A 22 2.10 9.34 19.41
N THR A 23 2.52 9.76 18.21
CA THR A 23 1.71 10.61 17.35
C THR A 23 1.29 9.81 16.12
N VAL A 24 0.01 9.83 15.81
CA VAL A 24 -0.52 9.11 14.64
C VAL A 24 0.00 9.78 13.37
N LEU A 25 0.56 8.97 12.48
CA LEU A 25 1.19 9.45 11.22
C LEU A 25 0.32 9.25 9.98
N SER A 26 -0.50 8.19 9.97
CA SER A 26 -1.36 7.88 8.82
C SER A 26 -2.55 7.05 9.30
N VAL A 27 -3.69 7.19 8.63
CA VAL A 27 -4.90 6.39 8.97
C VAL A 27 -5.57 5.86 7.71
N HIS A 28 -6.12 4.64 7.78
CA HIS A 28 -6.64 3.94 6.61
C HIS A 28 -7.85 3.12 6.95
N HIS A 29 -8.93 3.33 6.21
CA HIS A 29 -10.07 2.44 6.26
C HIS A 29 -10.07 1.65 4.98
N TRP A 30 -9.61 0.41 5.07
CA TRP A 30 -9.50 -0.47 3.89
C TRP A 30 -10.84 -1.04 3.51
N THR A 31 -11.70 -1.25 4.50
CA THR A 31 -13.10 -1.65 4.27
C THR A 31 -13.88 -0.90 5.31
N ASP A 32 -15.18 -1.15 5.42
CA ASP A 32 -15.92 -0.49 6.49
C ASP A 32 -15.54 -0.99 7.89
N THR A 33 -14.96 -2.19 8.00
CA THR A 33 -14.60 -2.71 9.32
C THR A 33 -13.10 -2.74 9.61
N LEU A 34 -12.28 -2.79 8.56
CA LEU A 34 -10.84 -2.89 8.71
C LEU A 34 -10.15 -1.53 8.62
N PHE A 35 -9.45 -1.21 9.69
CA PHE A 35 -8.82 0.08 9.87
C PHE A 35 -7.36 -0.15 10.28
N SER A 36 -6.41 0.54 9.66
CA SER A 36 -5.03 0.51 10.12
C SER A 36 -4.50 1.92 10.35
N PHE A 37 -3.52 2.05 11.25
CA PHE A 37 -2.85 3.32 11.44
C PHE A 37 -1.36 3.08 11.72
N THR A 38 -0.55 4.08 11.40
CA THR A 38 0.85 4.06 11.73
C THR A 38 1.06 5.22 12.68
N CYS A 39 2.05 5.08 13.57
CA CYS A 39 2.32 6.13 14.55
C CYS A 39 3.80 6.09 14.88
N THR A 40 4.26 7.14 15.55
CA THR A 40 5.68 7.25 15.87
C THR A 40 6.04 6.18 16.89
N ARG A 41 7.30 5.76 16.84
CA ARG A 41 7.79 4.67 17.66
C ARG A 41 8.85 5.22 18.59
N ASP A 42 8.67 4.95 19.87
CA ASP A 42 9.62 5.32 20.89
C ASP A 42 11.03 4.83 20.54
N GLN A 43 12.01 5.61 20.96
CA GLN A 43 13.38 5.32 20.71
C GLN A 43 13.92 4.12 21.52
N ALA A 44 13.19 3.74 22.58
CA ALA A 44 13.53 2.58 23.40
C ALA A 44 12.69 1.34 23.04
N LEU A 45 11.80 1.46 22.09
CA LEU A 45 10.88 0.36 21.84
C LEU A 45 11.48 -0.65 20.87
N ARG A 46 12.28 -1.56 21.41
CA ARG A 46 12.72 -2.69 20.59
C ARG A 46 11.76 -3.87 20.75
N PHE A 47 11.65 -4.68 19.70
CA PHE A 47 10.84 -5.87 19.80
C PHE A 47 11.28 -6.88 18.77
N ASN A 48 10.74 -8.09 18.88
CA ASN A 48 10.89 -9.09 17.83
C ASN A 48 9.57 -9.14 17.05
N ASN A 49 9.67 -9.20 15.72
CA ASN A 49 8.49 -9.40 14.87
C ASN A 49 7.58 -10.51 15.42
N GLY A 50 6.27 -10.21 15.57
CA GLY A 50 5.34 -11.18 16.15
C GLY A 50 4.82 -10.78 17.52
N GLU A 51 5.55 -9.90 18.20
CA GLU A 51 5.16 -9.46 19.53
C GLU A 51 4.02 -8.45 19.50
N PHE A 52 3.35 -8.31 20.64
CA PHE A 52 2.34 -7.29 20.83
C PHE A 52 2.74 -6.29 21.89
N THR A 53 1.97 -5.20 21.96
CA THR A 53 2.09 -4.27 23.07
C THR A 53 0.73 -3.71 23.41
N MET A 54 0.66 -2.96 24.49
CA MET A 54 -0.62 -2.37 24.87
C MET A 54 -0.87 -1.11 24.03
N VAL A 55 -2.06 -0.99 23.46
CA VAL A 55 -2.39 0.20 22.68
C VAL A 55 -3.71 0.79 23.16
N GLY A 56 -3.74 2.11 23.32
CA GLY A 56 -4.97 2.77 23.71
C GLY A 56 -4.88 4.27 23.75
N LEU A 57 -5.78 4.86 24.53
CA LEU A 57 -6.01 6.30 24.58
C LEU A 57 -6.36 6.76 25.99
N GLU A 58 -6.01 8.00 26.33
CA GLU A 58 -6.48 8.61 27.60
C GLU A 58 -7.93 9.02 27.47
N VAL A 59 -8.79 8.37 28.24
CA VAL A 59 -10.23 8.62 28.23
C VAL A 59 -10.68 8.92 29.67
N ASP A 60 -11.30 10.09 29.85
CA ASP A 60 -11.64 10.64 31.17
C ASP A 60 -10.40 10.68 32.08
N GLY A 61 -9.25 11.03 31.50
CA GLY A 61 -7.98 11.12 32.22
C GLY A 61 -7.40 9.80 32.72
N LYS A 62 -7.98 8.67 32.27
CA LYS A 62 -7.50 7.33 32.59
C LYS A 62 -7.10 6.57 31.31
N PRO A 63 -5.93 5.89 31.33
CA PRO A 63 -5.55 5.16 30.11
C PRO A 63 -6.52 3.99 29.83
N LEU A 64 -7.03 3.93 28.61
CA LEU A 64 -7.89 2.83 28.17
C LEU A 64 -7.21 2.04 27.06
N THR A 65 -6.72 0.83 27.37
CA THR A 65 -5.84 0.09 26.47
C THR A 65 -6.24 -1.36 26.28
N ARG A 66 -5.65 -1.99 25.26
CA ARG A 66 -5.83 -3.42 25.00
C ARG A 66 -4.63 -3.90 24.20
N ALA A 67 -4.38 -5.20 24.21
CA ALA A 67 -3.26 -5.76 23.47
C ALA A 67 -3.49 -5.72 21.95
N TYR A 68 -2.48 -5.27 21.21
CA TYR A 68 -2.51 -5.30 19.76
C TYR A 68 -1.18 -5.84 19.30
N SER A 69 -1.20 -6.80 18.39
CA SER A 69 0.03 -7.27 17.77
C SER A 69 0.61 -6.15 16.93
N ILE A 70 1.91 -5.91 17.05
CA ILE A 70 2.58 -4.95 16.19
C ILE A 70 2.64 -5.49 14.75
N VAL A 71 2.04 -4.77 13.80
CA VAL A 71 1.99 -5.20 12.41
C VAL A 71 3.32 -4.94 11.69
N SER A 72 3.89 -3.75 11.97
CA SER A 72 5.17 -3.33 11.36
C SER A 72 6.30 -4.27 11.76
N PRO A 73 7.30 -4.44 10.88
CA PRO A 73 8.48 -5.18 11.29
C PRO A 73 9.38 -4.29 12.18
N ASN A 74 10.25 -4.94 12.96
CA ASN A 74 11.10 -4.20 13.91
C ASN A 74 12.17 -3.27 13.28
N TYR A 75 12.33 -3.35 11.96
CA TYR A 75 13.24 -2.44 11.26
C TYR A 75 12.50 -1.29 10.53
N GLU A 76 11.22 -1.16 10.80
CA GLU A 76 10.46 -0.06 10.22
C GLU A 76 10.52 1.11 11.19
N GLU A 77 10.65 2.32 10.66
CA GLU A 77 10.77 3.53 11.49
C GLU A 77 9.56 3.77 12.41
N HIS A 78 8.37 3.50 11.89
CA HIS A 78 7.11 3.71 12.58
C HIS A 78 6.50 2.40 13.02
N LEU A 79 5.51 2.47 13.90
CA LEU A 79 4.71 1.32 14.28
C LEU A 79 3.51 1.26 13.37
N GLU A 80 2.92 0.08 13.23
CA GLU A 80 1.63 -0.05 12.57
C GLU A 80 0.77 -1.00 13.36
N PHE A 81 -0.53 -0.73 13.39
CA PHE A 81 -1.53 -1.64 13.97
C PHE A 81 -2.76 -1.64 13.09
N PHE A 82 -3.59 -2.66 13.26
CA PHE A 82 -4.90 -2.64 12.63
C PHE A 82 -5.98 -3.14 13.57
N SER A 83 -7.23 -2.82 13.21
CA SER A 83 -8.38 -3.09 14.04
C SER A 83 -9.53 -3.56 13.18
N ILE A 84 -10.28 -4.53 13.66
CA ILE A 84 -11.51 -4.97 12.99
C ILE A 84 -12.70 -4.60 13.87
N LYS A 85 -13.58 -3.73 13.37
CA LYS A 85 -14.79 -3.39 14.10
C LYS A 85 -15.68 -4.63 14.09
N VAL A 86 -15.95 -5.18 15.28
CA VAL A 86 -16.92 -6.28 15.41
C VAL A 86 -18.07 -5.82 16.33
N GLN A 87 -17.78 -5.66 17.62
CA GLN A 87 -18.79 -5.31 18.63
C GLN A 87 -18.91 -3.79 18.80
N ASN A 88 -17.91 -3.08 18.26
CA ASN A 88 -17.73 -1.64 18.43
C ASN A 88 -17.73 -1.19 19.92
N GLY A 89 -16.81 -1.78 20.68
CA GLY A 89 -16.57 -1.39 22.08
C GLY A 89 -15.93 -0.01 22.23
N PRO A 90 -15.91 0.52 23.47
CA PRO A 90 -15.36 1.84 23.75
C PRO A 90 -14.02 2.12 23.06
N LEU A 91 -13.07 1.19 23.11
CA LEU A 91 -11.74 1.46 22.56
C LEU A 91 -11.69 1.42 21.02
N THR A 92 -12.17 0.32 20.44
CA THR A 92 -12.27 0.14 19.01
C THR A 92 -13.00 1.31 18.32
N SER A 93 -14.10 1.75 18.93
CA SER A 93 -14.83 2.87 18.37
C SER A 93 -13.97 4.14 18.28
N ARG A 94 -13.24 4.45 19.36
CA ARG A 94 -12.39 5.64 19.40
C ARG A 94 -11.15 5.49 18.49
N LEU A 95 -10.57 4.28 18.47
CA LEU A 95 -9.42 4.03 17.59
C LEU A 95 -9.74 4.22 16.13
N GLN A 96 -10.95 3.82 15.74
CA GLN A 96 -11.40 3.88 14.34
C GLN A 96 -11.62 5.31 13.89
N HIS A 97 -11.57 6.25 14.84
CA HIS A 97 -11.74 7.64 14.52
C HIS A 97 -10.47 8.42 14.68
N LEU A 98 -9.34 7.75 14.87
CA LEU A 98 -8.06 8.45 14.94
C LEU A 98 -7.81 9.27 13.68
N LYS A 99 -7.17 10.42 13.88
CA LYS A 99 -6.82 11.29 12.77
C LYS A 99 -5.29 11.49 12.81
N VAL A 100 -4.68 11.77 11.67
CA VAL A 100 -3.26 12.07 11.67
C VAL A 100 -3.00 13.24 12.66
N GLY A 101 -1.95 13.12 13.48
CA GLY A 101 -1.59 14.15 14.48
C GLY A 101 -2.11 13.83 15.89
N ASP A 102 -3.04 12.86 15.99
CA ASP A 102 -3.61 12.47 17.27
C ASP A 102 -2.62 11.74 18.18
N PRO A 103 -2.71 11.99 19.50
CA PRO A 103 -1.91 11.24 20.46
C PRO A 103 -2.47 9.82 20.68
N VAL A 104 -1.58 8.85 20.89
CA VAL A 104 -1.99 7.45 21.16
C VAL A 104 -1.00 6.83 22.15
N LEU A 105 -1.50 5.97 23.03
CA LEU A 105 -0.69 5.31 24.05
C LEU A 105 -0.16 3.97 23.53
N ILE A 106 1.15 3.75 23.71
CA ILE A 106 1.85 2.54 23.27
C ILE A 106 2.62 1.98 24.49
N GLY A 107 2.26 0.78 24.91
CA GLY A 107 2.94 0.15 26.04
C GLY A 107 4.43 0.03 25.78
N LYS A 108 5.22 0.20 26.83
CA LYS A 108 6.68 0.14 26.72
C LYS A 108 7.27 -1.30 26.74
N LYS A 109 6.49 -2.28 27.22
CA LYS A 109 7.02 -3.66 27.36
C LYS A 109 6.40 -4.62 26.34
N PRO A 110 6.95 -4.70 25.12
CA PRO A 110 6.32 -5.65 24.22
C PRO A 110 6.66 -7.08 24.61
N THR A 111 5.78 -7.99 24.22
CA THR A 111 5.93 -9.39 24.60
C THR A 111 5.10 -10.27 23.67
N GLY A 112 5.11 -11.58 23.92
CA GLY A 112 4.31 -12.51 23.15
C GLY A 112 4.92 -13.89 23.05
N THR A 113 4.14 -14.84 22.51
CA THR A 113 4.50 -16.26 22.45
C THR A 113 4.86 -16.76 21.07
N LEU A 114 4.55 -15.98 20.05
CA LEU A 114 4.95 -16.35 18.68
C LEU A 114 6.47 -16.13 18.43
N VAL A 115 7.26 -17.02 19.05
CA VAL A 115 8.72 -16.89 19.11
C VAL A 115 9.36 -18.01 18.30
N ALA A 116 10.06 -17.65 17.21
CA ALA A 116 10.67 -18.65 16.32
C ALA A 116 11.72 -19.50 17.04
N ASP A 117 12.49 -18.88 17.94
CA ASP A 117 13.52 -19.56 18.73
C ASP A 117 12.97 -20.67 19.64
N ASN A 118 11.65 -20.68 19.83
CA ASN A 118 11.00 -21.76 20.58
C ASN A 118 10.48 -22.85 19.65
N LEU A 119 10.98 -22.83 18.43
CA LEU A 119 10.73 -23.88 17.48
C LEU A 119 12.06 -24.49 17.08
N LEU A 120 12.10 -25.82 17.15
CA LEU A 120 13.29 -26.60 16.78
C LEU A 120 13.56 -26.40 15.30
N PRO A 121 14.83 -26.51 14.87
CA PRO A 121 15.16 -26.42 13.44
C PRO A 121 14.27 -27.34 12.57
N GLY A 122 13.79 -26.82 11.44
CA GLY A 122 12.90 -27.58 10.54
C GLY A 122 12.92 -27.06 9.12
N LYS A 123 12.11 -27.64 8.23
CA LYS A 123 12.10 -27.28 6.81
C LYS A 123 10.96 -26.33 6.41
N THR A 124 9.81 -26.54 7.04
CA THR A 124 8.60 -25.80 6.70
C THR A 124 7.96 -25.08 7.90
N LEU A 125 7.53 -23.84 7.70
CA LEU A 125 6.82 -23.08 8.73
C LEU A 125 5.39 -22.79 8.31
N TRP A 126 4.45 -23.18 9.15
CA TRP A 126 3.05 -22.92 8.93
C TRP A 126 2.59 -21.83 9.86
N MET A 127 1.97 -20.80 9.29
CA MET A 127 1.35 -19.77 10.12
C MET A 127 -0.15 -19.89 9.93
N LEU A 128 -0.82 -20.42 10.94
CA LEU A 128 -2.22 -20.74 10.87
C LEU A 128 -3.02 -19.67 11.60
N SER A 129 -3.85 -18.92 10.88
CA SER A 129 -4.51 -17.76 11.49
C SER A 129 -5.99 -17.61 11.13
N THR A 130 -6.75 -17.05 12.08
CA THR A 130 -8.15 -16.67 11.83
C THR A 130 -8.36 -15.24 12.32
N GLY A 131 -9.20 -14.50 11.59
CA GLY A 131 -9.49 -13.10 11.93
C GLY A 131 -8.25 -12.28 12.20
N THR A 132 -8.31 -11.49 13.28
CA THR A 132 -7.20 -10.62 13.71
C THR A 132 -5.92 -11.39 14.07
N GLY A 133 -6.01 -12.72 14.14
CA GLY A 133 -4.81 -13.56 14.26
C GLY A 133 -3.80 -13.30 13.15
N LEU A 134 -4.28 -12.73 12.05
CA LEU A 134 -3.44 -12.41 10.92
C LEU A 134 -2.33 -11.39 11.28
N ALA A 135 -2.64 -10.51 12.23
CA ALA A 135 -1.82 -9.33 12.55
C ALA A 135 -0.35 -9.63 12.90
N PRO A 136 -0.06 -10.53 13.88
CA PRO A 136 1.37 -10.71 14.16
C PRO A 136 2.14 -11.32 12.98
N PHE A 137 1.43 -12.01 12.08
CA PHE A 137 2.07 -12.64 10.91
C PHE A 137 2.37 -11.64 9.81
N MET A 138 1.65 -10.52 9.79
CA MET A 138 2.02 -9.42 8.90
C MET A 138 3.42 -8.93 9.26
N SER A 139 3.79 -9.07 10.53
CA SER A 139 5.15 -8.73 10.97
C SER A 139 6.20 -9.87 10.74
N ILE A 140 5.90 -11.09 11.20
CA ILE A 140 6.79 -12.25 11.01
C ILE A 140 7.16 -12.56 9.53
N ILE A 141 6.23 -12.45 8.58
CA ILE A 141 6.54 -12.70 7.17
C ILE A 141 7.53 -11.69 6.57
N ARG A 142 7.82 -10.61 7.31
CA ARG A 142 8.81 -9.61 6.87
C ARG A 142 10.09 -9.69 7.70
N ASP A 143 10.19 -10.72 8.54
CA ASP A 143 11.39 -10.99 9.32
C ASP A 143 12.34 -11.83 8.48
N PRO A 144 13.51 -11.27 8.10
CA PRO A 144 14.38 -12.07 7.24
C PRO A 144 14.84 -13.43 7.81
N ASP A 145 15.06 -13.50 9.13
CA ASP A 145 15.55 -14.73 9.78
C ASP A 145 14.64 -15.94 9.53
N ILE A 146 13.37 -15.68 9.24
CA ILE A 146 12.41 -16.74 8.89
C ILE A 146 12.88 -17.48 7.65
N TYR A 147 13.30 -16.73 6.63
CA TYR A 147 13.65 -17.33 5.35
C TYR A 147 15.07 -17.90 5.33
N GLU A 148 15.90 -17.47 6.28
CA GLU A 148 17.27 -17.98 6.42
CA GLU A 148 17.26 -18.01 6.39
C GLU A 148 17.28 -19.37 7.06
N ARG A 149 16.21 -19.71 7.77
CA ARG A 149 16.10 -21.00 8.44
C ARG A 149 14.94 -21.90 7.98
N PHE A 150 14.07 -21.41 7.08
CA PHE A 150 13.04 -22.26 6.48
C PHE A 150 13.06 -22.29 4.96
N ASP A 151 12.77 -23.47 4.40
CA ASP A 151 12.63 -23.66 2.95
C ASP A 151 11.35 -23.04 2.42
N LYS A 152 10.30 -23.11 3.23
CA LYS A 152 8.96 -22.73 2.82
C LYS A 152 8.13 -22.23 4.00
N VAL A 153 7.29 -21.22 3.73
CA VAL A 153 6.34 -20.67 4.69
C VAL A 153 4.93 -20.60 4.10
N VAL A 154 3.96 -21.16 4.84
CA VAL A 154 2.56 -21.11 4.44
C VAL A 154 1.78 -20.30 5.46
N LEU A 155 1.08 -19.27 4.98
CA LEU A 155 0.20 -18.47 5.81
C LEU A 155 -1.26 -18.74 5.46
N THR A 156 -2.01 -19.26 6.44
CA THR A 156 -3.44 -19.49 6.25
C THR A 156 -4.23 -18.44 7.01
N HIS A 157 -5.22 -17.87 6.34
CA HIS A 157 -5.98 -16.77 6.89
C HIS A 157 -7.43 -16.89 6.52
N THR A 158 -8.24 -16.01 7.11
CA THR A 158 -9.66 -15.96 6.84
C THR A 158 -10.14 -14.69 6.11
N CYS A 159 -9.22 -13.97 5.46
CA CYS A 159 -9.59 -12.79 4.65
C CYS A 159 -10.13 -13.19 3.30
N ARG A 160 -11.22 -12.56 2.93
CA ARG A 160 -11.90 -12.87 1.70
C ARG A 160 -12.23 -11.59 0.95
N LEU A 161 -12.46 -10.51 1.70
CA LEU A 161 -12.99 -9.26 1.10
C LEU A 161 -11.93 -8.47 0.33
N LYS A 162 -12.35 -7.90 -0.79
CA LYS A 162 -11.50 -7.04 -1.62
C LYS A 162 -10.50 -6.22 -0.78
N GLY A 163 -11.01 -5.43 0.15
CA GLY A 163 -10.24 -4.44 0.87
C GLY A 163 -9.29 -5.10 1.85
N GLU A 164 -9.69 -6.25 2.35
CA GLU A 164 -8.84 -7.03 3.25
C GLU A 164 -7.58 -7.56 2.53
N LEU A 165 -7.80 -8.10 1.33
CA LEU A 165 -6.73 -8.61 0.48
C LEU A 165 -5.82 -7.48 -0.02
N ALA A 166 -6.42 -6.34 -0.33
CA ALA A 166 -5.63 -5.14 -0.68
C ALA A 166 -4.69 -4.73 0.47
N TYR A 167 -5.15 -4.88 1.71
CA TYR A 167 -4.33 -4.56 2.88
C TYR A 167 -3.15 -5.53 2.99
N MET A 168 -3.44 -6.83 2.88
CA MET A 168 -2.38 -7.82 2.93
C MET A 168 -1.38 -7.58 1.80
N ASP A 169 -1.88 -7.19 0.63
CA ASP A 169 -1.00 -6.94 -0.50
C ASP A 169 -0.05 -5.76 -0.29
N TYR A 170 -0.56 -4.71 0.38
CA TYR A 170 0.23 -3.56 0.76
C TYR A 170 1.33 -3.92 1.78
N ILE A 171 0.96 -4.63 2.85
CA ILE A 171 1.90 -5.15 3.84
C ILE A 171 3.06 -5.88 3.18
N LYS A 172 2.70 -6.84 2.33
CA LYS A 172 3.60 -7.71 1.58
C LYS A 172 4.77 -7.01 0.90
N HIS A 173 4.51 -5.81 0.35
CA HIS A 173 5.52 -5.05 -0.39
C HIS A 173 6.14 -3.92 0.41
N ASP A 174 5.72 -3.75 1.67
CA ASP A 174 6.28 -2.69 2.50
C ASP A 174 7.55 -3.17 3.20
N LEU A 175 8.69 -2.96 2.56
CA LEU A 175 9.94 -3.56 3.00
C LEU A 175 11.11 -2.57 3.16
N PRO A 176 10.96 -1.55 4.03
CA PRO A 176 11.97 -0.48 4.17
C PRO A 176 13.33 -1.08 4.51
N GLY A 177 14.35 -0.71 3.74
CA GLY A 177 15.72 -1.22 3.93
C GLY A 177 15.90 -2.71 3.65
N HIS A 178 14.83 -3.38 3.17
CA HIS A 178 14.87 -4.83 2.94
C HIS A 178 14.24 -5.24 1.63
N GLU A 179 14.46 -4.44 0.60
CA GLU A 179 13.89 -4.69 -0.72
C GLU A 179 14.24 -6.06 -1.33
N TYR A 180 15.42 -6.60 -1.03
CA TYR A 180 15.82 -7.93 -1.51
C TYR A 180 14.89 -9.03 -0.98
N LEU A 181 14.08 -8.71 0.04
CA LEU A 181 13.12 -9.66 0.58
C LEU A 181 11.97 -9.91 -0.37
N GLY A 182 11.73 -8.98 -1.29
CA GLY A 182 10.71 -9.16 -2.32
C GLY A 182 10.81 -10.48 -3.10
N ASP A 183 12.00 -10.81 -3.59
CA ASP A 183 12.22 -12.06 -4.32
C ASP A 183 12.10 -13.30 -3.43
N VAL A 184 12.58 -13.19 -2.20
CA VAL A 184 12.49 -14.27 -1.22
C VAL A 184 11.05 -14.61 -0.82
N ILE A 185 10.23 -13.59 -0.58
CA ILE A 185 8.82 -13.79 -0.23
C ILE A 185 8.05 -14.43 -1.41
N ARG A 186 8.34 -13.96 -2.63
CA ARG A 186 7.70 -14.47 -3.85
C ARG A 186 8.04 -15.96 -4.02
N GLU A 187 9.26 -16.32 -3.62
CA GLU A 187 9.74 -17.66 -3.80
C GLU A 187 9.21 -18.59 -2.72
N LYS A 188 9.17 -18.09 -1.47
CA LYS A 188 8.95 -18.98 -0.33
C LYS A 188 7.62 -18.84 0.39
N LEU A 189 6.94 -17.70 0.25
CA LEU A 189 5.73 -17.48 1.04
C LEU A 189 4.51 -17.81 0.22
N VAL A 190 3.67 -18.71 0.73
CA VAL A 190 2.41 -19.06 0.08
C VAL A 190 1.22 -18.65 0.95
N TYR A 191 0.33 -17.85 0.39
CA TYR A 191 -0.90 -17.47 1.07
C TYR A 191 -1.95 -18.49 0.74
N TYR A 192 -2.73 -18.91 1.74
CA TYR A 192 -3.78 -19.90 1.56
C TYR A 192 -5.06 -19.48 2.31
N PRO A 193 -6.08 -19.04 1.55
CA PRO A 193 -7.32 -18.59 2.19
C PRO A 193 -8.14 -19.75 2.72
N THR A 194 -8.82 -19.56 3.85
CA THR A 194 -9.75 -20.54 4.43
C THR A 194 -11.12 -19.88 4.65
N VAL A 195 -11.90 -20.33 5.64
CA VAL A 195 -13.20 -19.71 5.99
C VAL A 195 -13.49 -19.69 7.51
N THR A 196 -14.20 -18.66 7.97
CA THR A 196 -14.40 -18.39 9.41
C THR A 196 -14.81 -19.62 10.24
N ARG A 205 -12.85 -23.48 9.32
CA ARG A 205 -12.72 -24.49 8.28
C ARG A 205 -11.30 -25.08 8.20
N ILE A 206 -10.30 -24.33 8.69
CA ILE A 206 -8.90 -24.80 8.66
C ILE A 206 -8.66 -26.09 9.46
N THR A 207 -9.33 -26.20 10.60
CA THR A 207 -9.35 -27.40 11.40
C THR A 207 -9.78 -28.59 10.55
N ASP A 208 -10.99 -28.52 10.00
CA ASP A 208 -11.48 -29.49 9.03
C ASP A 208 -10.47 -29.78 7.93
N LEU A 209 -9.84 -28.72 7.41
CA LEU A 209 -8.92 -28.86 6.29
C LEU A 209 -7.69 -29.69 6.65
N ILE A 210 -7.25 -29.59 7.90
CA ILE A 210 -6.17 -30.45 8.40
C ILE A 210 -6.71 -31.86 8.59
N ALA A 211 -7.94 -31.96 9.13
CA ALA A 211 -8.55 -33.27 9.46
C ALA A 211 -8.85 -34.15 8.24
N SER A 212 -9.21 -33.52 7.12
CA SER A 212 -9.55 -34.25 5.90
C SER A 212 -8.32 -34.42 5.00
N GLY A 213 -7.23 -33.73 5.34
CA GLY A 213 -6.01 -33.76 4.54
C GLY A 213 -6.02 -32.82 3.34
N LYS A 214 -7.15 -32.15 3.12
CA LYS A 214 -7.33 -31.27 1.94
C LYS A 214 -6.37 -30.07 1.92
N LEU A 215 -5.97 -29.59 3.10
CA LEU A 215 -4.93 -28.59 3.20
C LEU A 215 -3.67 -29.07 2.44
N PHE A 216 -3.29 -30.32 2.70
CA PHE A 216 -2.06 -30.91 2.14
C PHE A 216 -2.21 -31.40 0.71
N THR A 217 -3.41 -31.32 0.17
CA THR A 217 -3.64 -31.70 -1.22
C THR A 217 -3.59 -30.48 -2.11
N ASP A 218 -4.25 -29.41 -1.66
CA ASP A 218 -4.34 -28.16 -2.40
C ASP A 218 -2.96 -27.60 -2.71
N LEU A 219 -2.16 -27.52 -1.66
CA LEU A 219 -0.73 -27.32 -1.77
C LEU A 219 -0.27 -28.77 -1.76
N ASP A 220 0.50 -29.22 -2.73
CA ASP A 220 1.02 -30.58 -2.57
C ASP A 220 2.19 -30.56 -1.58
N MET A 221 1.82 -30.82 -0.33
CA MET A 221 2.74 -30.82 0.81
C MET A 221 2.45 -32.09 1.63
N PRO A 222 3.48 -32.67 2.27
CA PRO A 222 3.18 -33.81 3.15
C PRO A 222 2.44 -33.35 4.41
N PRO A 223 1.50 -34.18 4.91
CA PRO A 223 0.83 -33.95 6.19
C PRO A 223 1.82 -33.71 7.34
N PHE A 224 1.37 -33.01 8.38
CA PHE A 224 2.22 -32.62 9.51
C PHE A 224 3.03 -33.80 10.09
N SER A 225 4.32 -33.57 10.30
CA SER A 225 5.21 -34.53 10.96
C SER A 225 6.21 -33.76 11.85
N PRO A 226 6.65 -34.36 12.98
CA PRO A 226 7.61 -33.65 13.81
C PRO A 226 8.99 -33.51 13.17
N GLU A 227 9.22 -34.22 12.07
CA GLU A 227 10.50 -34.20 11.36
C GLU A 227 10.74 -32.90 10.56
N GLN A 228 9.71 -32.38 9.90
CA GLN A 228 9.88 -31.26 8.98
C GLN A 228 9.06 -29.99 9.27
N ASP A 229 7.91 -30.13 9.94
CA ASP A 229 6.91 -29.07 10.06
C ASP A 229 6.90 -28.33 11.40
N ARG A 230 7.10 -27.02 11.33
CA ARG A 230 6.99 -26.15 12.50
C ARG A 230 5.82 -25.20 12.32
N VAL A 231 5.04 -25.00 13.39
CA VAL A 231 3.77 -24.29 13.31
C VAL A 231 3.60 -23.15 14.32
N MET A 232 3.01 -22.05 13.84
CA MET A 232 2.54 -20.96 14.68
C MET A 232 1.02 -20.84 14.53
N LEU A 233 0.32 -20.68 15.65
CA LEU A 233 -1.13 -20.54 15.62
C LEU A 233 -1.61 -19.23 16.27
N CYS A 234 -2.30 -18.40 15.50
CA CYS A 234 -2.94 -17.22 16.09
C CYS A 234 -4.39 -17.10 15.60
N GLY A 235 -5.32 -17.32 16.53
CA GLY A 235 -6.73 -17.33 16.19
C GLY A 235 -7.63 -17.38 17.41
N SER A 236 -8.92 -17.64 17.16
CA SER A 236 -9.93 -17.75 18.22
C SER A 236 -9.66 -18.93 19.15
N THR A 237 -10.06 -18.78 20.41
CA THR A 237 -9.95 -19.86 21.41
C THR A 237 -10.33 -21.22 20.85
N ALA A 238 -11.52 -21.33 20.27
CA ALA A 238 -11.96 -22.59 19.67
C ALA A 238 -10.98 -23.13 18.60
N MET A 239 -10.56 -22.26 17.69
CA MET A 239 -9.60 -22.65 16.65
C MET A 239 -8.32 -23.23 17.26
N LEU A 240 -7.79 -22.58 18.28
CA LEU A 240 -6.59 -23.07 18.97
C LEU A 240 -6.80 -24.44 19.64
N LYS A 241 -7.90 -24.63 20.38
CA LYS A 241 -8.19 -25.93 21.03
C LYS A 241 -8.26 -27.08 20.00
N ASP A 242 -9.15 -26.94 19.01
CA ASP A 242 -9.34 -27.95 17.95
C ASP A 242 -8.08 -28.22 17.12
N THR A 243 -7.33 -27.17 16.77
CA THR A 243 -6.14 -27.33 15.92
C THR A 243 -4.94 -27.89 16.68
N THR A 244 -4.71 -27.46 17.92
CA THR A 244 -3.62 -28.06 18.72
C THR A 244 -3.84 -29.57 18.90
N GLU A 245 -5.08 -29.98 19.18
CA GLU A 245 -5.43 -31.42 19.32
C GLU A 245 -5.04 -32.21 18.07
N LEU A 246 -5.15 -31.58 16.90
CA LEU A 246 -4.77 -32.20 15.63
C LEU A 246 -3.25 -32.29 15.45
N LEU A 247 -2.55 -31.28 15.96
CA LEU A 247 -1.09 -31.27 15.92
C LEU A 247 -0.51 -32.30 16.88
N LYS A 248 -1.16 -32.45 18.02
CA LYS A 248 -0.74 -33.42 19.04
C LYS A 248 -0.79 -34.83 18.46
N LYS A 249 -1.89 -35.16 17.76
CA LYS A 249 -2.09 -36.47 17.14
C LYS A 249 -1.10 -36.75 15.99
N ALA A 250 -0.48 -35.69 15.48
CA ALA A 250 0.58 -35.85 14.49
C ALA A 250 1.92 -35.87 15.23
N GLY A 251 1.85 -35.77 16.55
CA GLY A 251 3.03 -35.91 17.40
C GLY A 251 3.86 -34.65 17.57
N LEU A 252 3.28 -33.50 17.24
CA LEU A 252 3.96 -32.23 17.46
C LEU A 252 3.80 -31.80 18.91
N VAL A 253 4.84 -31.17 19.45
CA VAL A 253 4.88 -30.76 20.85
C VAL A 253 4.98 -29.23 20.94
N GLU A 254 4.30 -28.62 21.91
CA GLU A 254 4.38 -27.18 22.13
C GLU A 254 5.78 -26.77 22.65
N GLY A 255 6.32 -25.72 22.05
CA GLY A 255 7.60 -25.14 22.47
C GLY A 255 7.47 -24.21 23.67
N LYS A 256 8.58 -23.98 24.35
CA LYS A 256 8.66 -23.09 25.51
C LYS A 256 10.04 -22.45 25.53
N ASN A 257 10.18 -21.31 26.19
CA ASN A 257 11.47 -20.64 26.30
C ASN A 257 12.58 -21.63 26.65
N SER A 258 12.36 -22.39 27.73
CA SER A 258 13.31 -23.39 28.22
C SER A 258 13.53 -24.60 27.32
N ALA A 259 12.54 -24.89 26.46
CA ALA A 259 12.58 -26.08 25.59
C ALA A 259 11.87 -25.88 24.27
N PRO A 260 12.64 -25.71 23.17
CA PRO A 260 12.04 -25.52 21.85
C PRO A 260 11.16 -26.71 21.46
N GLY A 261 10.14 -26.45 20.66
CA GLY A 261 9.22 -27.49 20.21
C GLY A 261 8.88 -27.45 18.74
N HIS A 262 7.66 -27.89 18.44
CA HIS A 262 7.22 -28.02 17.07
C HIS A 262 6.15 -26.99 16.74
N TYR A 263 5.51 -26.46 17.77
CA TYR A 263 4.50 -25.41 17.58
C TYR A 263 4.43 -24.38 18.72
N VAL A 264 3.92 -23.18 18.40
CA VAL A 264 3.63 -22.15 19.41
C VAL A 264 2.29 -21.49 19.08
N ILE A 265 1.60 -21.02 20.13
CA ILE A 265 0.25 -20.44 19.98
C ILE A 265 0.06 -19.10 20.71
N GLU A 266 -0.91 -18.33 20.24
CA GLU A 266 -1.34 -17.10 20.90
C GLU A 266 -2.80 -16.84 20.55
N ARG A 267 -3.58 -16.44 21.54
CA ARG A 267 -4.98 -16.05 21.34
C ARG A 267 -5.06 -14.73 20.57
N ALA A 268 -5.85 -14.72 19.49
CA ALA A 268 -6.11 -13.53 18.68
C ALA A 268 -6.74 -12.43 19.53
N PHE A 269 -6.29 -11.19 19.34
CA PHE A 269 -6.84 -10.07 20.14
C PHE A 269 -8.08 -9.49 19.47
N VAL A 270 -9.18 -9.36 20.23
CA VAL A 270 -10.49 -8.96 19.67
C VAL A 270 -11.18 -7.80 20.40
N MET B 16 -26.21 16.39 -13.96
CA MET B 16 -26.21 15.15 -13.11
C MET B 16 -26.21 13.87 -13.96
N SER B 17 -26.61 13.99 -15.22
CA SER B 17 -26.59 12.87 -16.16
C SER B 17 -25.19 12.67 -16.81
N LYS B 18 -24.29 13.62 -16.57
CA LYS B 18 -22.92 13.50 -17.03
C LYS B 18 -22.06 12.73 -16.02
N PHE B 19 -22.70 12.16 -14.99
CA PHE B 19 -22.00 11.58 -13.84
C PHE B 19 -22.54 10.25 -13.36
N ASP B 20 -21.66 9.28 -13.16
CA ASP B 20 -21.96 8.03 -12.44
CA ASP B 20 -22.07 8.09 -12.45
C ASP B 20 -21.93 8.35 -10.95
N THR B 21 -22.80 7.73 -10.17
CA THR B 21 -22.73 7.83 -8.73
C THR B 21 -22.00 6.57 -8.25
N ALA B 22 -20.79 6.77 -7.76
CA ALA B 22 -19.92 5.69 -7.33
C ALA B 22 -20.02 5.54 -5.83
N THR B 23 -19.55 4.41 -5.32
CA THR B 23 -19.47 4.16 -3.88
C THR B 23 -17.99 4.08 -3.47
N VAL B 24 -17.64 4.83 -2.44
CA VAL B 24 -16.29 4.86 -1.95
C VAL B 24 -16.01 3.54 -1.27
N LEU B 25 -14.93 2.90 -1.65
CA LEU B 25 -14.57 1.59 -1.15
C LEU B 25 -13.52 1.65 -0.05
N SER B 26 -12.64 2.65 -0.09
CA SER B 26 -11.58 2.78 0.92
C SER B 26 -11.12 4.21 0.99
N VAL B 27 -10.66 4.63 2.18
CA VAL B 27 -10.13 5.98 2.37
C VAL B 27 -8.81 5.99 3.15
N HIS B 28 -7.93 6.93 2.82
CA HIS B 28 -6.59 6.96 3.37
C HIS B 28 -6.12 8.37 3.61
N HIS B 29 -5.63 8.63 4.82
CA HIS B 29 -4.84 9.84 5.08
C HIS B 29 -3.43 9.46 5.31
N TRP B 30 -2.58 9.74 4.32
CA TRP B 30 -1.15 9.42 4.38
C TRP B 30 -0.36 10.46 5.15
N THR B 31 -0.84 11.71 5.12
CA THR B 31 -0.28 12.80 5.93
C THR B 31 -1.49 13.64 6.37
N ASP B 32 -1.25 14.77 7.03
CA ASP B 32 -2.37 15.61 7.41
C ASP B 32 -3.02 16.31 6.21
N THR B 33 -2.32 16.35 5.07
CA THR B 33 -2.89 16.95 3.87
C THR B 33 -3.13 15.99 2.70
N LEU B 34 -2.46 14.83 2.67
CA LEU B 34 -2.63 13.88 1.59
C LEU B 34 -3.66 12.79 1.86
N PHE B 35 -4.71 12.83 1.05
CA PHE B 35 -5.88 11.94 1.16
C PHE B 35 -6.03 11.17 -0.16
N SER B 36 -6.25 9.87 -0.09
CA SER B 36 -6.57 9.09 -1.30
C SER B 36 -7.79 8.22 -1.03
N PHE B 37 -8.52 7.90 -2.08
CA PHE B 37 -9.68 7.06 -1.92
C PHE B 37 -9.82 6.22 -3.15
N THR B 38 -10.48 5.08 -3.03
CA THR B 38 -10.85 4.26 -4.17
C THR B 38 -12.35 4.20 -4.20
N CYS B 39 -12.94 3.92 -5.36
CA CYS B 39 -14.38 3.87 -5.49
C CYS B 39 -14.76 2.98 -6.66
N THR B 40 -16.00 2.54 -6.66
CA THR B 40 -16.54 1.72 -7.73
C THR B 40 -16.42 2.42 -9.09
N ARG B 41 -16.25 1.60 -10.13
CA ARG B 41 -16.03 2.10 -11.47
C ARG B 41 -17.11 1.52 -12.39
N ASP B 42 -17.83 2.41 -13.08
CA ASP B 42 -18.85 2.01 -14.03
C ASP B 42 -18.23 1.37 -15.30
N GLN B 43 -18.93 0.39 -15.89
CA GLN B 43 -18.46 -0.31 -17.07
C GLN B 43 -18.19 0.66 -18.21
N ALA B 44 -18.88 1.79 -18.24
CA ALA B 44 -18.66 2.77 -19.33
C ALA B 44 -17.41 3.60 -19.12
N LEU B 45 -16.82 3.53 -17.94
CA LEU B 45 -15.65 4.34 -17.64
C LEU B 45 -14.38 3.69 -18.15
N ARG B 46 -13.96 4.12 -19.33
CA ARG B 46 -12.84 3.55 -20.04
C ARG B 46 -11.87 4.66 -20.30
N PHE B 47 -10.58 4.39 -20.11
CA PHE B 47 -9.61 5.45 -20.21
C PHE B 47 -8.24 4.94 -20.58
N ASN B 48 -7.39 5.85 -21.06
CA ASN B 48 -5.96 5.61 -21.20
C ASN B 48 -5.26 6.18 -19.97
N ASN B 49 -4.41 5.38 -19.35
CA ASN B 49 -3.65 5.80 -18.20
C ASN B 49 -3.03 7.15 -18.50
N GLY B 50 -3.33 8.13 -17.64
CA GLY B 50 -2.75 9.44 -17.72
C GLY B 50 -3.85 10.46 -17.78
N GLU B 51 -5.04 10.00 -18.19
CA GLU B 51 -6.23 10.83 -18.34
C GLU B 51 -6.83 11.27 -17.01
N PHE B 52 -7.72 12.26 -17.06
CA PHE B 52 -8.45 12.75 -15.91
C PHE B 52 -9.94 12.65 -16.13
N THR B 53 -10.70 12.74 -15.04
CA THR B 53 -12.12 12.98 -15.13
C THR B 53 -12.59 13.92 -14.03
N MET B 54 -13.81 14.41 -14.18
CA MET B 54 -14.41 15.28 -13.17
C MET B 54 -14.80 14.44 -11.96
N VAL B 55 -14.43 14.88 -10.77
CA VAL B 55 -14.81 14.20 -9.53
C VAL B 55 -15.44 15.18 -8.58
N GLY B 56 -16.52 14.76 -7.90
CA GLY B 56 -17.17 15.67 -6.98
C GLY B 56 -18.30 15.11 -6.18
N LEU B 57 -19.13 16.03 -5.71
CA LEU B 57 -20.20 15.72 -4.76
C LEU B 57 -21.43 16.53 -5.07
N GLU B 58 -22.59 15.99 -4.73
CA GLU B 58 -23.83 16.74 -4.87
C GLU B 58 -23.96 17.68 -3.68
N VAL B 59 -24.13 18.95 -3.98
CA VAL B 59 -24.23 20.01 -2.99
C VAL B 59 -25.33 20.94 -3.50
N ASP B 60 -26.37 21.14 -2.67
CA ASP B 60 -27.58 21.87 -3.05
C ASP B 60 -28.26 21.29 -4.29
N GLY B 61 -28.31 19.96 -4.38
CA GLY B 61 -28.92 19.29 -5.53
C GLY B 61 -28.25 19.49 -6.88
N LYS B 62 -27.06 20.10 -6.87
CA LYS B 62 -26.23 20.30 -8.07
C LYS B 62 -24.81 19.70 -7.86
N PRO B 63 -24.15 19.26 -8.95
CA PRO B 63 -22.80 18.75 -8.76
C PRO B 63 -21.78 19.84 -8.51
N LEU B 64 -20.93 19.62 -7.52
CA LEU B 64 -19.74 20.43 -7.35
C LEU B 64 -18.55 19.51 -7.68
N THR B 65 -17.90 19.78 -8.81
CA THR B 65 -16.82 18.93 -9.29
C THR B 65 -15.59 19.72 -9.71
N ARG B 66 -14.47 19.00 -9.78
CA ARG B 66 -13.23 19.52 -10.28
C ARG B 66 -12.52 18.36 -10.98
N ALA B 67 -11.60 18.69 -11.90
CA ALA B 67 -10.82 17.69 -12.61
C ALA B 67 -9.82 16.96 -11.69
N TYR B 68 -9.84 15.63 -11.75
CA TYR B 68 -8.81 14.85 -11.04
C TYR B 68 -8.18 13.80 -11.96
N SER B 69 -6.86 13.79 -12.05
CA SER B 69 -6.17 12.72 -12.79
C SER B 69 -6.55 11.38 -12.16
N ILE B 70 -6.86 10.38 -12.98
CA ILE B 70 -7.15 9.03 -12.46
C ILE B 70 -5.81 8.37 -12.09
N VAL B 71 -5.66 8.05 -10.81
CA VAL B 71 -4.42 7.48 -10.27
C VAL B 71 -4.30 6.01 -10.62
N SER B 72 -5.41 5.29 -10.54
CA SER B 72 -5.40 3.87 -10.85
C SER B 72 -5.10 3.62 -12.34
N PRO B 73 -4.48 2.46 -12.67
CA PRO B 73 -4.31 2.06 -14.09
C PRO B 73 -5.64 1.54 -14.65
N ASN B 74 -5.78 1.52 -15.97
CA ASN B 74 -7.10 1.18 -16.54
C ASN B 74 -7.52 -0.29 -16.38
N TYR B 75 -6.60 -1.16 -15.98
CA TYR B 75 -6.96 -2.56 -15.77
C TYR B 75 -7.34 -2.84 -14.31
N GLU B 76 -7.29 -1.83 -13.46
CA GLU B 76 -7.69 -2.02 -12.08
C GLU B 76 -9.20 -1.83 -12.01
N GLU B 77 -9.89 -2.71 -11.30
CA GLU B 77 -11.36 -2.75 -11.36
C GLU B 77 -12.03 -1.62 -10.61
N HIS B 78 -11.29 -0.95 -9.74
CA HIS B 78 -11.76 0.24 -9.09
C HIS B 78 -11.04 1.43 -9.62
N LEU B 79 -11.55 2.62 -9.29
CA LEU B 79 -10.85 3.87 -9.55
C LEU B 79 -10.13 4.32 -8.29
N GLU B 80 -9.07 5.13 -8.46
CA GLU B 80 -8.37 5.74 -7.31
C GLU B 80 -8.03 7.20 -7.64
N PHE B 81 -8.11 8.05 -6.61
CA PHE B 81 -7.79 9.46 -6.74
C PHE B 81 -7.09 9.95 -5.50
N PHE B 82 -6.29 11.00 -5.63
CA PHE B 82 -5.81 11.69 -4.44
C PHE B 82 -6.00 13.19 -4.45
N SER B 83 -5.99 13.73 -3.24
CA SER B 83 -6.25 15.13 -3.00
C SER B 83 -5.22 15.65 -1.99
N ILE B 84 -4.64 16.81 -2.29
CA ILE B 84 -3.75 17.47 -1.36
C ILE B 84 -4.47 18.72 -0.91
N LYS B 85 -4.91 18.72 0.33
CA LYS B 85 -5.49 19.93 0.92
C LYS B 85 -4.44 21.06 0.96
N VAL B 86 -4.72 22.20 0.31
CA VAL B 86 -3.82 23.37 0.36
C VAL B 86 -4.55 24.60 0.91
N GLN B 87 -5.49 25.12 0.13
CA GLN B 87 -6.30 26.28 0.55
C GLN B 87 -7.60 25.81 1.21
N ASN B 88 -7.86 24.51 1.08
CA ASN B 88 -9.05 23.87 1.62
C ASN B 88 -10.34 24.48 1.04
N GLY B 89 -10.52 24.33 -0.28
CA GLY B 89 -11.70 24.82 -1.00
C GLY B 89 -12.97 24.06 -0.63
N PRO B 90 -14.13 24.52 -1.12
CA PRO B 90 -15.35 23.82 -0.69
C PRO B 90 -15.39 22.34 -1.11
N LEU B 91 -14.85 22.00 -2.27
CA LEU B 91 -14.86 20.59 -2.70
C LEU B 91 -13.81 19.74 -1.99
N THR B 92 -12.55 20.17 -2.03
CA THR B 92 -11.45 19.50 -1.35
C THR B 92 -11.79 19.18 0.10
N SER B 93 -12.28 20.18 0.81
CA SER B 93 -12.76 20.05 2.16
C SER B 93 -13.74 18.88 2.31
N ARG B 94 -14.73 18.82 1.44
CA ARG B 94 -15.71 17.76 1.54
C ARG B 94 -15.12 16.38 1.19
N LEU B 95 -14.35 16.30 0.10
CA LEU B 95 -13.72 15.04 -0.34
C LEU B 95 -12.86 14.42 0.75
N GLN B 96 -12.09 15.26 1.43
CA GLN B 96 -11.19 14.84 2.48
C GLN B 96 -11.95 14.17 3.65
N HIS B 97 -13.28 14.29 3.68
CA HIS B 97 -14.10 13.63 4.72
C HIS B 97 -14.95 12.49 4.22
N LEU B 98 -14.67 12.00 3.02
CA LEU B 98 -15.36 10.82 2.54
C LEU B 98 -15.17 9.65 3.50
N LYS B 99 -16.23 8.85 3.66
CA LYS B 99 -16.18 7.61 4.44
C LYS B 99 -16.43 6.45 3.50
N VAL B 100 -15.92 5.27 3.84
CA VAL B 100 -16.26 4.06 3.11
C VAL B 100 -17.80 3.97 3.02
N GLY B 101 -18.34 3.73 1.82
CA GLY B 101 -19.79 3.63 1.69
C GLY B 101 -20.46 4.89 1.16
N ASP B 102 -19.76 6.03 1.26
CA ASP B 102 -20.27 7.30 0.79
C ASP B 102 -20.37 7.36 -0.76
N PRO B 103 -21.42 8.04 -1.27
CA PRO B 103 -21.55 8.32 -2.69
C PRO B 103 -20.54 9.38 -3.13
N VAL B 104 -20.08 9.30 -4.38
CA VAL B 104 -19.18 10.30 -4.94
C VAL B 104 -19.50 10.32 -6.43
N LEU B 105 -19.42 11.49 -7.06
CA LEU B 105 -19.74 11.63 -8.47
C LEU B 105 -18.46 11.51 -9.28
N ILE B 106 -18.54 10.73 -10.35
CA ILE B 106 -17.45 10.46 -11.29
C ILE B 106 -17.92 10.77 -12.72
N GLY B 107 -17.24 11.72 -13.36
CA GLY B 107 -17.57 12.13 -14.72
C GLY B 107 -17.43 10.94 -15.65
N LYS B 108 -18.40 10.75 -16.53
CA LYS B 108 -18.42 9.60 -17.42
C LYS B 108 -17.43 9.64 -18.59
N LYS B 109 -16.97 10.82 -18.97
CA LYS B 109 -16.08 10.96 -20.12
C LYS B 109 -14.68 11.47 -19.70
N PRO B 110 -13.75 10.53 -19.38
CA PRO B 110 -12.38 10.96 -19.14
C PRO B 110 -11.74 11.58 -20.38
N THR B 111 -10.72 12.42 -20.17
CA THR B 111 -9.98 13.04 -21.26
C THR B 111 -8.63 13.49 -20.73
N GLY B 112 -7.88 14.22 -21.54
CA GLY B 112 -6.57 14.70 -21.14
C GLY B 112 -5.55 14.67 -22.25
N THR B 113 -4.46 15.40 -22.04
CA THR B 113 -3.42 15.51 -23.06
C THR B 113 -2.21 14.59 -22.80
N LEU B 114 -2.08 13.99 -21.61
CA LEU B 114 -0.91 13.14 -21.33
C LEU B 114 -1.05 11.74 -22.00
N VAL B 115 -0.99 11.75 -23.32
CA VAL B 115 -1.35 10.63 -24.16
C VAL B 115 -0.08 10.13 -24.82
N ALA B 116 0.38 8.94 -24.43
CA ALA B 116 1.58 8.34 -25.00
C ALA B 116 1.53 8.26 -26.52
N ASP B 117 0.34 8.02 -27.06
CA ASP B 117 0.11 7.98 -28.50
C ASP B 117 0.55 9.23 -29.26
N ASN B 118 0.43 10.40 -28.64
CA ASN B 118 0.82 11.62 -29.31
C ASN B 118 2.30 11.87 -29.17
N LEU B 119 3.04 10.80 -28.92
CA LEU B 119 4.48 10.84 -28.88
C LEU B 119 5.08 9.86 -29.89
N LEU B 120 5.92 10.40 -30.78
CA LEU B 120 6.66 9.60 -31.76
C LEU B 120 7.47 8.49 -31.04
N PRO B 121 7.74 7.35 -31.72
CA PRO B 121 8.58 6.31 -31.11
C PRO B 121 9.92 6.87 -30.62
N GLY B 122 10.41 6.39 -29.48
CA GLY B 122 11.64 6.93 -28.86
C GLY B 122 12.32 5.96 -27.91
N LYS B 123 13.34 6.43 -27.20
CA LYS B 123 14.13 5.55 -26.35
C LYS B 123 13.92 5.80 -24.85
N THR B 124 13.88 7.07 -24.48
CA THR B 124 13.76 7.46 -23.08
C THR B 124 12.48 8.24 -22.89
N LEU B 125 11.73 7.92 -21.83
CA LEU B 125 10.52 8.65 -21.48
C LEU B 125 10.76 9.42 -20.19
N TRP B 126 10.47 10.72 -20.21
CA TRP B 126 10.64 11.56 -19.04
C TRP B 126 9.30 12.02 -18.57
N MET B 127 9.07 11.89 -17.26
CA MET B 127 7.85 12.43 -16.65
C MET B 127 8.25 13.47 -15.62
N LEU B 128 7.96 14.72 -15.94
CA LEU B 128 8.37 15.85 -15.13
C LEU B 128 7.16 16.45 -14.43
N SER B 129 7.15 16.36 -13.10
CA SER B 129 5.98 16.72 -12.31
C SER B 129 6.30 17.62 -11.13
N THR B 130 5.33 18.44 -10.74
CA THR B 130 5.41 19.23 -9.51
C THR B 130 4.10 19.14 -8.75
N GLY B 131 4.18 19.12 -7.43
CA GLY B 131 2.99 18.92 -6.59
C GLY B 131 2.14 17.74 -7.08
N THR B 132 0.85 17.99 -7.22
CA THR B 132 -0.17 17.03 -7.63
C THR B 132 -0.02 16.60 -9.10
N GLY B 133 0.85 17.29 -9.85
CA GLY B 133 1.24 16.85 -11.22
C GLY B 133 1.71 15.40 -11.27
N LEU B 134 2.21 14.92 -10.12
CA LEU B 134 2.54 13.52 -9.89
C LEU B 134 1.38 12.52 -10.22
N ALA B 135 0.14 12.93 -9.97
CA ALA B 135 -1.03 12.04 -9.99
C ALA B 135 -1.21 11.18 -11.26
N PRO B 136 -1.31 11.81 -12.44
CA PRO B 136 -1.51 11.04 -13.68
C PRO B 136 -0.34 10.08 -13.93
N PHE B 137 0.83 10.43 -13.43
CA PHE B 137 1.95 9.53 -13.59
C PHE B 137 1.87 8.27 -12.74
N MET B 138 1.07 8.30 -11.67
CA MET B 138 0.87 7.12 -10.83
C MET B 138 0.17 6.05 -11.64
N SER B 139 -0.58 6.49 -12.64
CA SER B 139 -1.27 5.59 -13.57
C SER B 139 -0.33 5.16 -14.69
N ILE B 140 0.36 6.11 -15.31
CA ILE B 140 1.17 5.79 -16.48
C ILE B 140 2.31 4.85 -16.12
N ILE B 141 2.99 5.06 -14.98
CA ILE B 141 4.10 4.16 -14.60
C ILE B 141 3.67 2.70 -14.40
N ARG B 142 2.36 2.45 -14.44
CA ARG B 142 1.81 1.12 -14.23
C ARG B 142 1.20 0.55 -15.51
N ASP B 143 1.42 1.28 -16.60
CA ASP B 143 1.03 0.85 -17.94
C ASP B 143 2.12 -0.06 -18.53
N PRO B 144 1.78 -1.35 -18.75
CA PRO B 144 2.79 -2.25 -19.34
C PRO B 144 3.29 -1.86 -20.74
N ASP B 145 2.51 -1.08 -21.49
CA ASP B 145 2.89 -0.66 -22.86
C ASP B 145 4.08 0.31 -22.87
N ILE B 146 4.15 1.13 -21.83
CA ILE B 146 5.20 2.12 -21.65
C ILE B 146 6.57 1.44 -21.66
N TYR B 147 6.66 0.29 -21.01
CA TYR B 147 7.94 -0.44 -20.91
C TYR B 147 8.29 -1.28 -22.16
N GLU B 148 7.29 -1.54 -22.99
CA GLU B 148 7.51 -2.16 -24.30
C GLU B 148 8.10 -1.13 -25.24
N ARG B 149 7.74 0.13 -25.04
CA ARG B 149 8.09 1.20 -25.94
C ARG B 149 9.40 1.90 -25.60
N PHE B 150 9.79 1.87 -24.33
CA PHE B 150 10.95 2.66 -23.85
C PHE B 150 11.99 1.83 -23.10
N ASP B 151 13.26 2.27 -23.16
CA ASP B 151 14.37 1.58 -22.45
C ASP B 151 14.47 2.03 -21.00
N LYS B 152 14.47 3.34 -20.77
CA LYS B 152 14.44 3.90 -19.42
C LYS B 152 13.23 4.83 -19.31
N VAL B 153 12.77 5.03 -18.08
CA VAL B 153 11.69 5.97 -17.74
C VAL B 153 12.17 6.71 -16.50
N VAL B 154 12.12 8.03 -16.53
CA VAL B 154 12.47 8.86 -15.38
C VAL B 154 11.22 9.61 -14.91
N LEU B 155 10.95 9.56 -13.61
CA LEU B 155 9.90 10.36 -13.00
C LEU B 155 10.52 11.34 -12.01
N THR B 156 10.43 12.64 -12.32
CA THR B 156 10.85 13.68 -11.38
C THR B 156 9.62 14.21 -10.63
N HIS B 157 9.77 14.55 -9.34
CA HIS B 157 8.65 14.97 -8.49
C HIS B 157 9.09 15.89 -7.38
N THR B 158 8.13 16.51 -6.69
CA THR B 158 8.44 17.38 -5.55
C THR B 158 8.00 16.82 -4.16
N CYS B 159 8.01 15.50 -4.04
CA CYS B 159 7.62 14.88 -2.77
C CYS B 159 8.81 14.73 -1.83
N ARG B 160 8.69 15.37 -0.67
CA ARG B 160 9.74 15.32 0.33
C ARG B 160 9.25 14.64 1.61
N LEU B 161 7.97 14.76 1.94
CA LEU B 161 7.47 14.26 3.21
C LEU B 161 7.35 12.74 3.23
N LYS B 162 7.73 12.15 4.35
CA LYS B 162 7.73 10.71 4.59
C LYS B 162 6.43 10.01 4.16
N GLY B 163 5.30 10.61 4.55
CA GLY B 163 3.99 10.10 4.19
C GLY B 163 3.68 10.12 2.70
N GLU B 164 4.20 11.12 1.97
CA GLU B 164 3.94 11.19 0.55
C GLU B 164 4.80 10.16 -0.18
N LEU B 165 6.03 9.99 0.27
CA LEU B 165 6.89 8.92 -0.27
C LEU B 165 6.31 7.52 0.01
N ALA B 166 5.63 7.35 1.14
CA ALA B 166 4.98 6.09 1.52
C ALA B 166 3.82 5.82 0.58
N TYR B 167 3.11 6.88 0.21
CA TYR B 167 2.03 6.74 -0.74
C TYR B 167 2.60 6.33 -2.10
N MET B 168 3.62 7.04 -2.58
CA MET B 168 4.26 6.69 -3.85
C MET B 168 4.73 5.26 -3.85
N ASP B 169 5.31 4.82 -2.73
CA ASP B 169 5.75 3.42 -2.60
C ASP B 169 4.63 2.36 -2.63
N TYR B 170 3.51 2.67 -1.99
CA TYR B 170 2.35 1.82 -2.04
C TYR B 170 1.79 1.70 -3.48
N ILE B 171 1.75 2.81 -4.19
CA ILE B 171 1.21 2.87 -5.53
C ILE B 171 2.05 1.96 -6.42
N LYS B 172 3.35 2.18 -6.36
CA LYS B 172 4.33 1.45 -7.17
C LYS B 172 4.16 -0.07 -7.16
N HIS B 173 3.65 -0.61 -6.06
CA HIS B 173 3.51 -2.06 -5.92
C HIS B 173 2.10 -2.57 -6.06
N ASP B 174 1.14 -1.68 -6.30
CA ASP B 174 -0.25 -2.10 -6.49
C ASP B 174 -0.45 -2.44 -7.99
N LEU B 175 -0.37 -3.72 -8.32
CA LEU B 175 -0.28 -4.16 -9.73
C LEU B 175 -1.21 -5.35 -10.06
N PRO B 176 -2.52 -5.19 -9.80
CA PRO B 176 -3.49 -6.31 -9.90
C PRO B 176 -3.46 -6.97 -11.28
N GLY B 177 -3.26 -8.28 -11.31
CA GLY B 177 -3.12 -9.08 -12.54
C GLY B 177 -1.85 -8.82 -13.35
N HIS B 178 -0.92 -8.04 -12.79
CA HIS B 178 0.26 -7.60 -13.52
C HIS B 178 1.51 -7.64 -12.69
N GLU B 179 1.62 -8.62 -11.79
CA GLU B 179 2.79 -8.75 -10.88
C GLU B 179 4.14 -8.82 -11.58
N TYR B 180 4.16 -9.33 -12.81
CA TYR B 180 5.39 -9.34 -13.61
C TYR B 180 5.99 -7.95 -13.83
N LEU B 181 5.18 -6.90 -13.68
CA LEU B 181 5.68 -5.52 -13.85
C LEU B 181 6.56 -5.05 -12.70
N GLY B 182 6.55 -5.76 -11.59
CA GLY B 182 7.45 -5.48 -10.45
C GLY B 182 8.91 -5.46 -10.88
N ASP B 183 9.37 -6.53 -11.51
CA ASP B 183 10.76 -6.65 -11.99
C ASP B 183 11.11 -5.60 -13.05
N VAL B 184 10.15 -5.33 -13.92
CA VAL B 184 10.32 -4.40 -15.03
C VAL B 184 10.44 -2.96 -14.54
N ILE B 185 9.51 -2.54 -13.68
CA ILE B 185 9.60 -1.25 -13.01
C ILE B 185 10.90 -1.09 -12.24
N ARG B 186 11.34 -2.16 -11.57
CA ARG B 186 12.64 -2.16 -10.89
C ARG B 186 13.79 -1.90 -11.89
N GLU B 187 13.76 -2.64 -13.00
CA GLU B 187 14.78 -2.54 -14.07
C GLU B 187 14.82 -1.15 -14.73
N LYS B 188 13.66 -0.50 -14.86
CA LYS B 188 13.52 0.60 -15.83
C LYS B 188 13.13 1.98 -15.30
N LEU B 189 12.48 2.05 -14.14
CA LEU B 189 11.94 3.32 -13.66
C LEU B 189 12.81 3.89 -12.57
N VAL B 190 13.16 5.16 -12.73
CA VAL B 190 14.00 5.87 -11.80
C VAL B 190 13.16 6.99 -11.24
N TYR B 191 13.15 7.10 -9.91
CA TYR B 191 12.51 8.24 -9.24
C TYR B 191 13.62 9.25 -8.99
N TYR B 192 13.35 10.51 -9.31
CA TYR B 192 14.35 11.55 -9.13
C TYR B 192 13.72 12.71 -8.37
N PRO B 193 14.03 12.83 -7.07
CA PRO B 193 13.45 13.91 -6.26
C PRO B 193 14.04 15.25 -6.70
N THR B 194 13.23 16.30 -6.75
CA THR B 194 13.75 17.64 -7.09
C THR B 194 13.85 18.61 -5.91
N VAL B 195 13.03 18.43 -4.88
CA VAL B 195 13.12 19.28 -3.67
C VAL B 195 14.00 18.63 -2.63
N ARG B 205 11.81 24.14 -10.02
CA ARG B 205 13.14 23.78 -9.52
C ARG B 205 13.84 22.89 -10.53
N ILE B 206 13.07 21.97 -11.10
CA ILE B 206 13.52 21.10 -12.18
C ILE B 206 13.89 21.87 -13.45
N THR B 207 13.31 23.06 -13.61
CA THR B 207 13.65 23.95 -14.71
C THR B 207 15.16 24.27 -14.69
N ASP B 208 15.67 24.62 -13.51
CA ASP B 208 17.08 24.99 -13.38
C ASP B 208 17.97 23.77 -13.65
N LEU B 209 17.57 22.63 -13.11
CA LEU B 209 18.33 21.40 -13.23
C LEU B 209 18.46 21.01 -14.68
N ILE B 210 17.48 21.39 -15.50
CA ILE B 210 17.56 21.18 -16.94
C ILE B 210 18.56 22.16 -17.59
N ALA B 211 18.40 23.44 -17.26
CA ALA B 211 19.20 24.51 -17.87
C ALA B 211 20.68 24.48 -17.47
N SER B 212 20.97 23.96 -16.28
CA SER B 212 22.34 23.85 -15.78
C SER B 212 22.98 22.55 -16.22
N GLY B 213 22.15 21.59 -16.62
CA GLY B 213 22.62 20.26 -17.03
C GLY B 213 22.83 19.30 -15.87
N LYS B 214 22.55 19.76 -14.64
CA LYS B 214 22.72 18.93 -13.44
C LYS B 214 21.80 17.69 -13.42
N LEU B 215 20.59 17.84 -13.96
CA LEU B 215 19.65 16.72 -14.11
C LEU B 215 20.29 15.58 -14.89
N PHE B 216 20.96 15.90 -16.00
CA PHE B 216 21.59 14.91 -16.83
C PHE B 216 22.94 14.47 -16.26
N THR B 217 23.44 15.21 -15.28
CA THR B 217 24.66 14.85 -14.56
C THR B 217 24.37 13.75 -13.56
N ASP B 218 23.33 13.96 -12.75
CA ASP B 218 22.99 13.05 -11.64
C ASP B 218 22.62 11.65 -12.10
N LEU B 219 21.86 11.57 -13.18
CA LEU B 219 21.62 10.33 -13.89
C LEU B 219 22.56 10.48 -15.06
N ASP B 220 23.47 9.54 -15.30
CA ASP B 220 24.31 9.72 -16.50
C ASP B 220 23.49 9.48 -17.76
N MET B 221 23.00 10.59 -18.30
CA MET B 221 21.98 10.61 -19.34
C MET B 221 22.25 11.77 -20.30
N PRO B 222 22.06 11.53 -21.62
CA PRO B 222 22.30 12.61 -22.57
C PRO B 222 21.23 13.69 -22.44
N PRO B 223 21.64 14.98 -22.54
CA PRO B 223 20.69 16.10 -22.58
C PRO B 223 19.60 15.86 -23.63
N PHE B 224 18.46 16.52 -23.45
CA PHE B 224 17.30 16.32 -24.31
C PHE B 224 17.61 16.48 -25.80
N SER B 225 17.21 15.49 -26.60
CA SER B 225 17.31 15.55 -28.08
C SER B 225 16.09 14.87 -28.73
N PRO B 226 15.63 15.39 -29.88
CA PRO B 226 14.48 14.83 -30.57
C PRO B 226 14.57 13.32 -30.86
N GLU B 227 15.77 12.83 -31.19
CA GLU B 227 15.94 11.44 -31.65
C GLU B 227 15.74 10.40 -30.54
N GLN B 228 16.05 10.76 -29.30
CA GLN B 228 15.99 9.83 -28.17
C GLN B 228 14.82 10.05 -27.17
N ASP B 229 14.51 11.31 -26.85
CA ASP B 229 13.72 11.69 -25.68
C ASP B 229 12.24 12.07 -25.87
N ARG B 230 11.38 11.42 -25.10
CA ARG B 230 9.99 11.84 -25.01
C ARG B 230 9.71 12.37 -23.61
N VAL B 231 8.99 13.49 -23.52
CA VAL B 231 8.78 14.16 -22.24
C VAL B 231 7.31 14.45 -21.97
N MET B 232 6.82 14.08 -20.79
CA MET B 232 5.47 14.46 -20.36
C MET B 232 5.64 15.42 -19.20
N LEU B 233 4.91 16.53 -19.27
CA LEU B 233 5.00 17.54 -18.22
C LEU B 233 3.64 17.73 -17.54
N CYS B 234 3.64 17.71 -16.21
CA CYS B 234 2.42 17.96 -15.48
C CYS B 234 2.83 18.70 -14.23
N GLY B 235 2.45 19.96 -14.16
CA GLY B 235 2.92 20.84 -13.11
C GLY B 235 2.25 22.19 -13.14
N SER B 236 2.85 23.15 -12.45
CA SER B 236 2.31 24.51 -12.36
C SER B 236 2.37 25.23 -13.71
N THR B 237 1.56 26.28 -13.85
CA THR B 237 1.60 27.13 -15.02
C THR B 237 3.02 27.61 -15.31
N ALA B 238 3.71 28.09 -14.27
CA ALA B 238 5.08 28.60 -14.37
C ALA B 238 6.08 27.51 -14.72
N MET B 239 5.90 26.33 -14.15
CA MET B 239 6.77 25.22 -14.46
C MET B 239 6.60 24.77 -15.91
N LEU B 240 5.35 24.78 -16.39
CA LEU B 240 5.09 24.39 -17.78
C LEU B 240 5.70 25.39 -18.80
N LYS B 241 5.41 26.67 -18.60
CA LYS B 241 5.93 27.72 -19.46
C LYS B 241 7.46 27.69 -19.53
N ASP B 242 8.12 27.70 -18.38
CA ASP B 242 9.59 27.73 -18.32
C ASP B 242 10.24 26.48 -18.90
N THR B 243 9.66 25.31 -18.64
CA THR B 243 10.28 24.04 -19.04
C THR B 243 10.06 23.76 -20.53
N THR B 244 8.90 24.14 -21.05
CA THR B 244 8.63 23.96 -22.48
C THR B 244 9.55 24.83 -23.32
N GLU B 245 9.92 26.00 -22.79
CA GLU B 245 10.87 26.86 -23.48
C GLU B 245 12.21 26.14 -23.65
N LEU B 246 12.68 25.49 -22.60
CA LEU B 246 13.92 24.71 -22.66
C LEU B 246 13.85 23.54 -23.64
N LEU B 247 12.69 22.88 -23.69
CA LEU B 247 12.51 21.71 -24.58
C LEU B 247 12.47 22.15 -26.04
N LYS B 248 11.83 23.29 -26.29
CA LYS B 248 11.75 23.85 -27.63
C LYS B 248 13.15 24.26 -28.12
N LYS B 249 13.94 24.92 -27.28
CA LYS B 249 15.31 25.32 -27.62
C LYS B 249 16.22 24.11 -27.87
N ALA B 250 15.89 22.97 -27.29
CA ALA B 250 16.61 21.72 -27.58
C ALA B 250 16.03 21.03 -28.82
N GLY B 251 14.97 21.60 -29.39
CA GLY B 251 14.35 21.07 -30.59
C GLY B 251 13.05 20.28 -30.44
N LEU B 252 12.65 19.95 -29.22
CA LEU B 252 11.41 19.18 -29.01
C LEU B 252 10.17 19.98 -29.38
N VAL B 253 9.27 19.29 -30.10
CA VAL B 253 8.02 19.84 -30.60
C VAL B 253 6.86 19.22 -29.81
N GLU B 254 5.84 20.03 -29.53
CA GLU B 254 4.67 19.63 -28.75
C GLU B 254 3.80 18.72 -29.60
N GLY B 255 3.42 17.57 -29.05
CA GLY B 255 2.61 16.60 -29.79
C GLY B 255 1.13 16.91 -29.71
N LYS B 256 0.38 16.46 -30.72
CA LYS B 256 -1.07 16.70 -30.80
C LYS B 256 -1.69 15.48 -31.43
N ASN B 257 -3.00 15.31 -31.29
CA ASN B 257 -3.72 14.18 -31.87
C ASN B 257 -3.42 13.93 -33.36
N SER B 258 -3.23 15.00 -34.13
CA SER B 258 -3.03 14.95 -35.59
C SER B 258 -1.59 14.61 -35.97
N ALA B 259 -0.64 14.97 -35.11
CA ALA B 259 0.78 14.80 -35.37
C ALA B 259 1.54 14.46 -34.08
N PRO B 260 1.96 13.19 -33.94
CA PRO B 260 2.83 12.81 -32.83
C PRO B 260 4.07 13.72 -32.75
N GLY B 261 4.48 14.05 -31.54
CA GLY B 261 5.63 14.93 -31.33
C GLY B 261 6.60 14.37 -30.30
N HIS B 262 7.27 15.26 -29.59
CA HIS B 262 8.31 14.87 -28.65
C HIS B 262 7.90 15.07 -27.22
N TYR B 263 6.94 15.96 -27.00
CA TYR B 263 6.45 16.21 -25.64
C TYR B 263 4.96 16.55 -25.55
N VAL B 264 4.40 16.38 -24.35
CA VAL B 264 2.99 16.69 -24.10
C VAL B 264 2.86 17.30 -22.73
N ILE B 265 1.91 18.21 -22.55
CA ILE B 265 1.83 18.94 -21.30
C ILE B 265 0.43 18.93 -20.74
N GLU B 266 0.33 19.06 -19.42
CA GLU B 266 -0.94 19.29 -18.76
C GLU B 266 -0.72 20.05 -17.46
N ARG B 267 -1.57 21.03 -17.22
CA ARG B 267 -1.52 21.84 -16.01
C ARG B 267 -2.11 21.03 -14.85
N ALA B 268 -1.33 20.85 -13.79
CA ALA B 268 -1.77 20.13 -12.59
C ALA B 268 -2.97 20.78 -11.96
N PHE B 269 -3.94 19.96 -11.57
CA PHE B 269 -5.16 20.43 -10.91
C PHE B 269 -4.95 20.65 -9.41
N VAL B 270 -5.55 21.70 -8.85
CA VAL B 270 -5.22 22.19 -7.49
C VAL B 270 -6.39 22.80 -6.69
N ASP B 271 -6.22 22.92 -5.36
CA ASP B 271 -7.12 23.67 -4.44
C ASP B 271 -7.42 22.99 -3.11
#